data_3WO6
#
_entry.id   3WO6
#
_cell.length_a   43.926
_cell.length_b   60.631
_cell.length_c   58.903
_cell.angle_alpha   90.000
_cell.angle_beta   100.350
_cell.angle_gamma   90.000
#
_symmetry.space_group_name_H-M   'P 1 21 1'
#
loop_
_entity.id
_entity.type
_entity.pdbx_description
1 polymer 'Membrane protein insertase YidC 2'
2 non-polymer 'CADMIUM ION'
3 non-polymer '(2R)-2,3-dihydroxypropyl (9Z)-octadec-9-enoate'
4 water water
#
_entity_poly.entity_id   1
_entity_poly.type   'polypeptide(L)'
_entity_poly.pdbx_seq_one_letter_code
;GQDPITSESEGIWNHFFVYPMSWLITTVANLLNGSYGLSIIIVTILIRLALLPLTLKQQKSMRAMQVIRPEMEAIQKKYK
EKASKDPKVQQEMQKELLGLYQKHGVNPMAGCLPLFIQLPILMAFYFAIMRTEEIRYHTFLWFDLGQPDYILPFVAGITT
YFQFKMTMSHQQQMQKTNPSDSDNPMANMMQMQMKVMLYVMPVMIIIAGLSLPSALSLYWVIGNIFMIIQTYFIVVKAPP
LE
;
_entity_poly.pdbx_strand_id   A
#
loop_
_chem_comp.id
_chem_comp.type
_chem_comp.name
_chem_comp.formula
CD non-polymer 'CADMIUM ION' 'Cd 2'
OLC non-polymer '(2R)-2,3-dihydroxypropyl (9Z)-octadec-9-enoate' 'C21 H40 O4'
#
# COMPACT_ATOMS: atom_id res chain seq x y z
N GLY A 1 23.08 -30.61 13.86
CA GLY A 1 23.19 -29.54 12.89
C GLY A 1 22.23 -28.41 13.22
N GLN A 2 22.49 -27.22 12.71
CA GLN A 2 21.66 -26.07 13.03
C GLN A 2 20.23 -26.28 12.58
N ASP A 3 19.29 -25.66 13.28
CA ASP A 3 17.88 -25.81 12.98
C ASP A 3 17.56 -25.22 11.61
N PRO A 4 16.92 -26.03 10.74
CA PRO A 4 16.63 -25.63 9.36
C PRO A 4 15.50 -24.61 9.25
N ILE A 5 14.90 -24.22 10.37
CA ILE A 5 13.79 -23.27 10.34
C ILE A 5 14.23 -21.91 9.79
N THR A 6 15.50 -21.59 9.97
CA THR A 6 16.04 -20.32 9.49
C THR A 6 16.24 -20.32 7.98
N SER A 7 16.97 -21.32 7.49
CA SER A 7 17.29 -21.41 6.07
C SER A 7 16.07 -21.69 5.20
N GLU A 8 15.19 -22.57 5.68
CA GLU A 8 13.99 -22.94 4.94
C GLU A 8 13.01 -21.78 4.81
N SER A 9 12.81 -21.04 5.90
CA SER A 9 11.92 -19.89 5.88
C SER A 9 12.47 -18.81 4.95
N GLU A 10 13.77 -18.56 5.05
CA GLU A 10 14.43 -17.61 4.16
C GLU A 10 14.45 -18.14 2.73
N GLY A 11 14.51 -19.46 2.60
CA GLY A 11 14.48 -20.09 1.30
C GLY A 11 13.14 -19.92 0.61
N ILE A 12 12.07 -19.95 1.40
CA ILE A 12 10.72 -19.73 0.86
C ILE A 12 10.57 -18.29 0.38
N TRP A 13 11.06 -17.36 1.19
CA TRP A 13 11.02 -15.94 0.87
C TRP A 13 11.83 -15.62 -0.39
N ASN A 14 13.02 -16.20 -0.49
CA ASN A 14 13.90 -15.93 -1.61
C ASN A 14 13.40 -16.52 -2.93
N HIS A 15 12.85 -17.72 -2.87
CA HIS A 15 12.49 -18.46 -4.07
C HIS A 15 11.09 -18.14 -4.61
N PHE A 16 10.15 -17.87 -3.73
CA PHE A 16 8.76 -17.67 -4.15
C PHE A 16 8.28 -16.22 -4.06
N PHE A 17 9.09 -15.37 -3.43
CA PHE A 17 8.74 -13.96 -3.32
C PHE A 17 9.76 -13.07 -4.01
N VAL A 18 11.02 -13.20 -3.62
CA VAL A 18 12.08 -12.36 -4.17
C VAL A 18 12.40 -12.69 -5.62
N TYR A 19 12.62 -13.98 -5.89
CA TYR A 19 13.00 -14.41 -7.23
C TYR A 19 11.97 -14.11 -8.34
N PRO A 20 10.69 -14.44 -8.13
CA PRO A 20 9.72 -14.12 -9.19
C PRO A 20 9.65 -12.62 -9.48
N MET A 21 9.78 -11.80 -8.44
CA MET A 21 9.80 -10.35 -8.61
C MET A 21 11.05 -9.93 -9.37
N SER A 22 12.18 -10.54 -9.01
CA SER A 22 13.46 -10.24 -9.66
C SER A 22 13.45 -10.71 -11.12
N TRP A 23 12.92 -11.91 -11.35
CA TRP A 23 12.82 -12.46 -12.70
C TRP A 23 11.94 -11.59 -13.59
N LEU A 24 10.87 -11.04 -13.02
CA LEU A 24 9.93 -10.23 -13.77
C LEU A 24 10.57 -8.92 -14.22
N ILE A 25 11.36 -8.32 -13.34
CA ILE A 25 12.04 -7.06 -13.64
C ILE A 25 13.10 -7.21 -14.73
N THR A 26 13.92 -8.25 -14.61
CA THR A 26 15.01 -8.47 -15.55
C THR A 26 14.52 -8.92 -16.93
N THR A 27 13.46 -9.72 -16.95
CA THR A 27 12.89 -10.21 -18.21
C THR A 27 12.37 -9.06 -19.05
N VAL A 28 11.61 -8.17 -18.43
CA VAL A 28 11.08 -6.99 -19.11
C VAL A 28 12.22 -6.08 -19.55
N ALA A 29 13.21 -5.91 -18.69
CA ALA A 29 14.36 -5.07 -19.00
C ALA A 29 15.16 -5.61 -20.17
N ASN A 30 15.32 -6.92 -20.22
CA ASN A 30 16.03 -7.55 -21.32
C ASN A 30 15.28 -7.42 -22.65
N LEU A 31 13.96 -7.40 -22.57
CA LEU A 31 13.12 -7.18 -23.74
C LEU A 31 13.20 -5.72 -24.19
N LEU A 32 13.59 -4.84 -23.28
CA LEU A 32 13.73 -3.42 -23.59
C LEU A 32 15.20 -3.01 -23.67
N ASN A 33 16.05 -3.99 -23.99
CA ASN A 33 17.48 -3.76 -24.17
C ASN A 33 18.19 -3.13 -22.98
N GLY A 34 17.94 -3.68 -21.79
CA GLY A 34 18.65 -3.24 -20.60
C GLY A 34 18.09 -2.01 -19.93
N SER A 35 16.83 -1.70 -20.20
CA SER A 35 16.18 -0.55 -19.57
C SER A 35 15.49 -0.95 -18.28
N TYR A 36 16.23 -0.92 -17.18
CA TYR A 36 15.68 -1.29 -15.89
C TYR A 36 14.76 -0.21 -15.32
N GLY A 37 14.87 0.99 -15.86
CA GLY A 37 13.98 2.08 -15.47
C GLY A 37 12.57 1.85 -15.99
N LEU A 38 12.46 1.55 -17.27
CA LEU A 38 11.17 1.29 -17.90
C LEU A 38 10.55 -0.01 -17.39
N SER A 39 11.41 -0.97 -17.06
CA SER A 39 10.96 -2.25 -16.51
C SER A 39 10.23 -2.05 -15.19
N ILE A 40 10.86 -1.31 -14.28
CA ILE A 40 10.26 -1.02 -12.98
C ILE A 40 8.91 -0.32 -13.15
N ILE A 41 8.86 0.61 -14.10
CA ILE A 41 7.62 1.32 -14.42
C ILE A 41 6.56 0.34 -14.91
N ILE A 42 6.91 -0.48 -15.89
CA ILE A 42 5.98 -1.45 -16.44
C ILE A 42 5.53 -2.46 -15.38
N VAL A 43 6.50 -3.03 -14.67
CA VAL A 43 6.22 -3.99 -13.61
C VAL A 43 5.28 -3.42 -12.55
N THR A 44 5.54 -2.18 -12.14
CA THR A 44 4.69 -1.49 -11.16
C THR A 44 3.26 -1.38 -11.67
N ILE A 45 3.10 -1.05 -12.94
CA ILE A 45 1.79 -0.97 -13.57
C ILE A 45 1.14 -2.36 -13.63
N LEU A 46 1.94 -3.36 -13.96
CA LEU A 46 1.46 -4.74 -13.99
C LEU A 46 0.96 -5.19 -12.62
N ILE A 47 1.71 -4.85 -11.58
CA ILE A 47 1.30 -5.17 -10.21
C ILE A 47 -0.03 -4.51 -9.88
N ARG A 48 -0.21 -3.28 -10.33
CA ARG A 48 -1.44 -2.53 -10.09
C ARG A 48 -2.65 -3.18 -10.78
N LEU A 49 -2.42 -3.70 -11.99
CA LEU A 49 -3.49 -4.35 -12.75
C LEU A 49 -3.94 -5.64 -12.06
N ALA A 50 -3.03 -6.25 -11.31
CA ALA A 50 -3.35 -7.47 -10.58
C ALA A 50 -4.12 -7.16 -9.29
N LEU A 51 -3.77 -6.04 -8.66
CA LEU A 51 -4.43 -5.62 -7.42
C LEU A 51 -5.77 -4.96 -7.71
N LEU A 52 -6.01 -4.66 -8.98
CA LEU A 52 -7.20 -3.90 -9.39
C LEU A 52 -8.55 -4.44 -8.89
N PRO A 53 -8.80 -5.75 -9.01
CA PRO A 53 -10.08 -6.25 -8.45
C PRO A 53 -10.14 -6.08 -6.94
N LEU A 54 -9.03 -6.34 -6.25
CA LEU A 54 -8.97 -6.19 -4.81
C LEU A 54 -9.03 -4.71 -4.42
N THR A 55 -8.47 -3.87 -5.28
CA THR A 55 -8.46 -2.43 -5.06
C THR A 55 -9.87 -1.85 -5.20
N LEU A 56 -10.59 -2.30 -6.23
CA LEU A 56 -11.96 -1.84 -6.48
C LEU A 56 -12.91 -2.22 -5.35
N LYS A 57 -12.70 -3.41 -4.78
CA LYS A 57 -13.54 -3.88 -3.69
C LYS A 57 -13.31 -3.05 -2.43
N GLN A 58 -12.06 -2.65 -2.21
CA GLN A 58 -11.70 -1.84 -1.05
C GLN A 58 -12.26 -0.43 -1.17
N GLN A 59 -12.44 0.02 -2.41
CA GLN A 59 -12.99 1.35 -2.66
C GLN A 59 -14.50 1.36 -2.54
N LYS A 60 -15.14 0.27 -2.97
CA LYS A 60 -16.58 0.15 -2.91
C LYS A 60 -17.07 0.05 -1.47
N SER A 61 -16.33 -0.71 -0.65
CA SER A 61 -16.68 -0.89 0.74
C SER A 61 -16.43 0.38 1.55
N MET A 62 -15.39 1.13 1.16
CA MET A 62 -15.05 2.38 1.82
C MET A 62 -16.16 3.41 1.65
N ARG A 63 -16.83 3.35 0.51
CA ARG A 63 -17.95 4.25 0.23
C ARG A 63 -19.15 3.87 1.08
N ALA A 64 -19.30 2.57 1.34
CA ALA A 64 -20.39 2.07 2.16
C ALA A 64 -20.23 2.52 3.60
N MET A 65 -18.98 2.53 4.08
CA MET A 65 -18.68 2.94 5.45
C MET A 65 -18.95 4.43 5.64
N GLN A 66 -18.93 5.18 4.55
CA GLN A 66 -19.17 6.61 4.58
C GLN A 66 -20.66 6.91 4.78
N VAL A 67 -21.50 5.94 4.41
CA VAL A 67 -22.93 6.04 4.60
C VAL A 67 -23.29 5.75 6.04
N ILE A 68 -22.48 4.90 6.67
CA ILE A 68 -22.72 4.43 8.03
C ILE A 68 -22.13 5.39 9.06
N ARG A 69 -21.09 6.11 8.65
CA ARG A 69 -20.39 7.08 9.51
C ARG A 69 -21.28 7.98 10.39
N PRO A 70 -22.40 8.49 9.86
CA PRO A 70 -23.29 9.22 10.76
C PRO A 70 -24.00 8.31 11.76
N GLU A 71 -24.37 7.11 11.31
CA GLU A 71 -25.16 6.19 12.12
C GLU A 71 -24.36 5.49 13.23
N MET A 72 -23.24 4.88 12.85
CA MET A 72 -22.44 4.11 13.81
C MET A 72 -21.77 5.01 14.84
N GLU A 73 -21.28 6.17 14.41
CA GLU A 73 -20.64 7.12 15.31
C GLU A 73 -21.66 7.69 16.30
N ALA A 74 -22.93 7.68 15.91
CA ALA A 74 -24.00 8.10 16.80
C ALA A 74 -24.21 7.08 17.90
N ILE A 75 -24.04 5.80 17.56
CA ILE A 75 -24.13 4.73 18.53
C ILE A 75 -22.98 4.82 19.52
N GLN A 76 -21.77 5.04 19.01
CA GLN A 76 -20.60 5.20 19.85
C GLN A 76 -20.66 6.49 20.66
N LYS A 77 -21.35 7.49 20.13
CA LYS A 77 -21.58 8.74 20.85
C LYS A 77 -22.58 8.50 21.96
N LYS A 78 -23.51 7.59 21.71
CA LYS A 78 -24.52 7.22 22.68
C LYS A 78 -23.93 6.44 23.85
N TYR A 79 -23.15 5.40 23.53
CA TYR A 79 -22.55 4.55 24.56
C TYR A 79 -21.36 5.19 25.24
N LYS A 80 -20.89 6.32 24.71
CA LYS A 80 -19.83 7.08 25.36
C LYS A 80 -20.41 7.80 26.58
N GLU A 81 -21.71 8.05 26.54
CA GLU A 81 -22.41 8.72 27.62
C GLU A 81 -22.86 7.72 28.68
N LYS A 82 -23.27 6.54 28.23
CA LYS A 82 -23.73 5.48 29.13
C LYS A 82 -22.61 4.95 30.00
N ALA A 83 -22.99 4.30 31.10
CA ALA A 83 -22.03 3.69 32.02
C ALA A 83 -21.51 2.37 31.45
N SER A 84 -20.23 2.35 31.11
CA SER A 84 -19.60 1.18 30.50
C SER A 84 -19.17 0.13 31.52
N LYS A 85 -19.54 0.36 32.78
CA LYS A 85 -19.14 -0.54 33.87
C LYS A 85 -19.70 -1.95 33.72
N ASP A 86 -20.87 -2.05 33.10
CA ASP A 86 -21.53 -3.33 32.89
C ASP A 86 -21.10 -3.93 31.56
N PRO A 87 -20.57 -5.17 31.59
CA PRO A 87 -20.21 -5.91 30.37
C PRO A 87 -21.42 -6.12 29.46
N LYS A 88 -22.61 -6.16 30.04
CA LYS A 88 -23.84 -6.33 29.26
C LYS A 88 -24.17 -5.10 28.45
N VAL A 89 -23.69 -3.94 28.89
CA VAL A 89 -23.88 -2.70 28.16
C VAL A 89 -23.09 -2.73 26.85
N GLN A 90 -21.85 -3.20 26.93
CA GLN A 90 -21.00 -3.33 25.76
C GLN A 90 -21.56 -4.34 24.77
N GLN A 91 -22.23 -5.36 25.29
CA GLN A 91 -22.87 -6.37 24.45
C GLN A 91 -24.01 -5.78 23.63
N GLU A 92 -24.84 -4.97 24.28
CA GLU A 92 -25.96 -4.32 23.61
C GLU A 92 -25.44 -3.37 22.52
N MET A 93 -24.30 -2.74 22.79
CA MET A 93 -23.65 -1.88 21.81
C MET A 93 -23.20 -2.71 20.61
N GLN A 94 -22.69 -3.91 20.88
CA GLN A 94 -22.24 -4.81 19.84
C GLN A 94 -23.40 -5.26 18.96
N LYS A 95 -24.54 -5.50 19.58
CA LYS A 95 -25.74 -5.92 18.85
C LYS A 95 -26.24 -4.84 17.91
N GLU A 96 -26.13 -3.58 18.33
CA GLU A 96 -26.56 -2.46 17.50
C GLU A 96 -25.63 -2.27 16.32
N LEU A 97 -24.32 -2.29 16.58
CA LEU A 97 -23.32 -2.13 15.53
C LEU A 97 -23.42 -3.25 14.50
N LEU A 98 -23.66 -4.47 14.98
CA LEU A 98 -23.79 -5.63 14.09
C LEU A 98 -25.05 -5.53 13.24
N GLY A 99 -26.14 -5.05 13.85
CA GLY A 99 -27.40 -4.91 13.15
C GLY A 99 -27.33 -3.93 11.99
N LEU A 100 -26.53 -2.87 12.17
CA LEU A 100 -26.31 -1.89 11.11
C LEU A 100 -25.63 -2.54 9.91
N TYR A 101 -24.60 -3.31 10.18
CA TYR A 101 -23.83 -3.98 9.14
C TYR A 101 -24.66 -5.06 8.45
N GLN A 102 -25.51 -5.73 9.23
CA GLN A 102 -26.34 -6.81 8.71
C GLN A 102 -27.46 -6.28 7.82
N LYS A 103 -27.88 -5.05 8.06
CA LYS A 103 -28.94 -4.43 7.28
C LYS A 103 -28.44 -4.08 5.87
N HIS A 104 -27.13 -4.03 5.72
CA HIS A 104 -26.51 -3.64 4.46
C HIS A 104 -25.64 -4.76 3.88
N GLY A 105 -25.17 -5.64 4.76
CA GLY A 105 -24.31 -6.73 4.35
C GLY A 105 -22.85 -6.40 4.55
N VAL A 106 -22.58 -5.17 4.99
CA VAL A 106 -21.23 -4.69 5.24
C VAL A 106 -20.56 -5.52 6.34
N ASN A 107 -19.25 -5.71 6.23
CA ASN A 107 -18.50 -6.43 7.25
C ASN A 107 -17.25 -5.67 7.71
N PRO A 108 -17.17 -5.39 9.01
CA PRO A 108 -15.98 -4.74 9.58
C PRO A 108 -14.80 -5.70 9.62
N MET A 109 -13.60 -5.17 9.89
CA MET A 109 -12.37 -5.97 9.88
C MET A 109 -12.12 -6.61 8.51
N ALA A 110 -12.80 -6.09 7.50
CA ALA A 110 -12.64 -6.55 6.13
C ALA A 110 -12.43 -5.33 5.24
N GLY A 111 -11.58 -5.48 4.22
CA GLY A 111 -11.20 -4.36 3.39
C GLY A 111 -9.93 -3.73 3.93
N CYS A 112 -9.55 -4.15 5.14
CA CYS A 112 -8.29 -3.75 5.74
C CYS A 112 -7.22 -4.77 5.36
N LEU A 113 -7.63 -5.73 4.55
CA LEU A 113 -6.73 -6.74 4.01
C LEU A 113 -5.74 -6.24 2.94
N PRO A 114 -6.21 -5.45 1.95
CA PRO A 114 -5.25 -4.96 0.95
C PRO A 114 -4.14 -4.09 1.53
N LEU A 115 -4.35 -3.55 2.72
CA LEU A 115 -3.30 -2.78 3.39
C LEU A 115 -2.16 -3.69 3.81
N PHE A 116 -2.46 -4.98 3.93
CA PHE A 116 -1.49 -5.97 4.37
C PHE A 116 -0.79 -6.66 3.20
N ILE A 117 -1.35 -6.54 2.00
CA ILE A 117 -0.78 -7.19 0.83
C ILE A 117 0.23 -6.29 0.13
N GLN A 118 0.16 -5.00 0.39
CA GLN A 118 1.08 -4.03 -0.19
C GLN A 118 2.49 -4.19 0.40
N LEU A 119 2.54 -4.70 1.63
CA LEU A 119 3.81 -4.84 2.35
C LEU A 119 4.76 -5.91 1.78
N PRO A 120 4.27 -7.15 1.57
CA PRO A 120 5.21 -8.15 1.05
C PRO A 120 5.55 -7.91 -0.42
N ILE A 121 4.65 -7.27 -1.16
CA ILE A 121 4.94 -6.88 -2.54
C ILE A 121 6.05 -5.83 -2.55
N LEU A 122 5.94 -4.88 -1.64
CA LEU A 122 6.95 -3.83 -1.48
C LEU A 122 8.27 -4.43 -1.00
N MET A 123 8.18 -5.43 -0.14
CA MET A 123 9.35 -6.04 0.45
C MET A 123 10.09 -6.92 -0.56
N ALA A 124 9.34 -7.70 -1.31
CA ALA A 124 9.90 -8.54 -2.35
C ALA A 124 10.55 -7.69 -3.43
N PHE A 125 9.93 -6.55 -3.73
CA PHE A 125 10.46 -5.60 -4.70
C PHE A 125 11.77 -5.03 -4.17
N TYR A 126 11.78 -4.70 -2.89
CA TYR A 126 12.96 -4.11 -2.24
C TYR A 126 14.16 -5.04 -2.26
N PHE A 127 13.93 -6.33 -1.99
CA PHE A 127 14.99 -7.32 -2.01
C PHE A 127 15.42 -7.66 -3.44
N ALA A 128 14.48 -7.59 -4.37
CA ALA A 128 14.78 -7.82 -5.77
C ALA A 128 15.73 -6.76 -6.31
N ILE A 129 15.53 -5.52 -5.86
CA ILE A 129 16.41 -4.41 -6.25
C ILE A 129 17.80 -4.57 -5.65
N MET A 130 17.84 -4.98 -4.38
CA MET A 130 19.11 -5.15 -3.68
C MET A 130 19.96 -6.29 -4.21
N ARG A 131 19.32 -7.40 -4.55
CA ARG A 131 20.03 -8.62 -4.93
C ARG A 131 20.33 -8.73 -6.42
N THR A 132 19.62 -7.97 -7.24
CA THR A 132 19.93 -7.93 -8.66
C THR A 132 21.10 -6.98 -8.89
N GLU A 133 22.28 -7.56 -9.06
CA GLU A 133 23.52 -6.81 -9.11
C GLU A 133 23.61 -5.79 -10.25
N GLU A 134 22.92 -6.06 -11.35
CA GLU A 134 22.97 -5.18 -12.51
C GLU A 134 22.04 -3.96 -12.38
N ILE A 135 21.25 -3.94 -11.31
CA ILE A 135 20.36 -2.81 -11.03
C ILE A 135 21.03 -1.82 -10.09
N ARG A 136 21.95 -2.33 -9.27
CA ARG A 136 22.59 -1.56 -8.21
C ARG A 136 23.13 -0.20 -8.62
N TYR A 137 23.82 -0.13 -9.76
CA TYR A 137 24.37 1.14 -10.23
C TYR A 137 23.85 1.56 -11.60
N HIS A 138 22.75 0.94 -12.04
CA HIS A 138 22.12 1.32 -13.30
C HIS A 138 21.43 2.67 -13.17
N THR A 139 22.01 3.70 -13.80
CA THR A 139 21.44 5.04 -13.71
C THR A 139 20.19 5.18 -14.59
N PHE A 140 19.17 5.80 -14.01
CA PHE A 140 17.94 6.11 -14.73
C PHE A 140 17.58 7.56 -14.49
N LEU A 141 17.46 8.32 -15.57
CA LEU A 141 17.29 9.77 -15.51
C LEU A 141 18.46 10.43 -14.78
N TRP A 142 18.29 10.72 -13.50
CA TRP A 142 19.34 11.38 -12.73
C TRP A 142 19.76 10.57 -11.50
N PHE A 143 19.30 9.33 -11.41
CA PHE A 143 19.53 8.53 -10.21
C PHE A 143 19.86 7.07 -10.52
N ASP A 144 20.68 6.47 -9.65
CA ASP A 144 20.98 5.04 -9.72
C ASP A 144 19.89 4.28 -8.97
N LEU A 145 19.31 3.28 -9.63
CA LEU A 145 18.16 2.56 -9.09
C LEU A 145 18.45 1.87 -7.75
N GLY A 146 19.67 1.39 -7.57
CA GLY A 146 20.04 0.71 -6.35
C GLY A 146 20.54 1.64 -5.27
N GLN A 147 20.69 2.93 -5.61
CA GLN A 147 21.23 3.91 -4.67
C GLN A 147 20.18 4.93 -4.23
N PRO A 148 20.33 5.46 -3.00
CA PRO A 148 19.41 6.48 -2.49
C PRO A 148 19.53 7.79 -3.28
N ASP A 149 18.42 8.50 -3.42
CA ASP A 149 18.42 9.78 -4.13
C ASP A 149 17.75 10.85 -3.26
N TYR A 150 18.13 12.11 -3.48
CA TYR A 150 17.57 13.20 -2.70
C TYR A 150 16.23 13.67 -3.24
N ILE A 151 16.16 13.87 -4.56
CA ILE A 151 15.02 14.52 -5.18
C ILE A 151 13.79 13.61 -5.32
N LEU A 152 14.01 12.39 -5.80
CA LEU A 152 12.92 11.46 -6.10
C LEU A 152 11.94 11.16 -4.94
N PRO A 153 12.45 10.96 -3.71
CA PRO A 153 11.51 10.76 -2.60
C PRO A 153 10.52 11.91 -2.40
N PHE A 154 10.93 13.13 -2.71
CA PHE A 154 10.03 14.27 -2.60
C PHE A 154 8.92 14.20 -3.64
N VAL A 155 9.26 13.69 -4.83
CA VAL A 155 8.28 13.49 -5.88
C VAL A 155 7.26 12.44 -5.44
N ALA A 156 7.74 11.41 -4.76
CA ALA A 156 6.87 10.35 -4.25
C ALA A 156 5.92 10.89 -3.19
N GLY A 157 6.40 11.87 -2.42
CA GLY A 157 5.58 12.50 -1.40
C GLY A 157 4.57 13.46 -1.98
N ILE A 158 4.98 14.19 -3.01
CA ILE A 158 4.09 15.13 -3.68
C ILE A 158 2.97 14.39 -4.41
N THR A 159 3.32 13.34 -5.13
CA THR A 159 2.33 12.55 -5.85
C THR A 159 1.38 11.82 -4.90
N THR A 160 1.88 11.45 -3.72
CA THR A 160 1.04 10.84 -2.70
C THR A 160 0.01 11.83 -2.19
N TYR A 161 0.44 13.08 -2.02
CA TYR A 161 -0.44 14.16 -1.58
C TYR A 161 -1.57 14.40 -2.59
N PHE A 162 -1.21 14.54 -3.86
CA PHE A 162 -2.19 14.82 -4.90
C PHE A 162 -3.06 13.61 -5.22
N GLN A 163 -2.57 12.42 -4.90
CA GLN A 163 -3.34 11.20 -5.07
C GLN A 163 -4.48 11.17 -4.06
N PHE A 164 -4.20 11.69 -2.87
CA PHE A 164 -5.19 11.75 -1.80
C PHE A 164 -6.17 12.91 -2.01
N LYS A 165 -5.64 14.05 -2.44
CA LYS A 165 -6.48 15.23 -2.67
C LYS A 165 -7.52 15.00 -3.75
N MET A 166 -7.13 14.31 -4.81
CA MET A 166 -8.03 14.00 -5.91
C MET A 166 -9.10 13.00 -5.47
N THR A 167 -8.73 12.10 -4.57
CA THR A 167 -9.65 11.10 -4.05
C THR A 167 -10.75 11.74 -3.21
N MET A 168 -10.36 12.66 -2.34
CA MET A 168 -11.30 13.34 -1.46
C MET A 168 -12.20 14.30 -2.24
N SER A 169 -11.76 14.68 -3.44
CA SER A 169 -12.56 15.55 -4.29
C SER A 169 -13.53 14.71 -5.13
N HIS A 170 -13.11 13.50 -5.48
CA HIS A 170 -13.94 12.60 -6.27
C HIS A 170 -15.01 11.95 -5.41
N GLN A 191 -12.31 15.06 9.60
CA GLN A 191 -11.28 15.97 9.13
C GLN A 191 -9.92 15.60 9.71
N MET A 192 -9.93 14.69 10.68
CA MET A 192 -8.69 14.23 11.31
C MET A 192 -7.98 13.23 10.42
N GLN A 193 -8.74 12.29 9.86
CA GLN A 193 -8.20 11.28 8.96
C GLN A 193 -7.69 11.93 7.68
N MET A 194 -8.31 13.04 7.29
CA MET A 194 -7.90 13.78 6.10
C MET A 194 -6.50 14.37 6.31
N LYS A 195 -6.27 14.92 7.49
CA LYS A 195 -4.97 15.49 7.83
C LYS A 195 -3.91 14.41 7.97
N VAL A 196 -4.33 13.21 8.32
CA VAL A 196 -3.42 12.07 8.40
C VAL A 196 -2.97 11.65 7.01
N MET A 197 -3.91 11.60 6.08
CA MET A 197 -3.61 11.21 4.71
C MET A 197 -2.84 12.30 3.96
N LEU A 198 -3.31 13.53 4.06
CA LEU A 198 -2.73 14.64 3.31
C LEU A 198 -1.39 15.13 3.85
N TYR A 199 -1.20 15.05 5.17
CA TYR A 199 -0.02 15.64 5.79
C TYR A 199 0.95 14.60 6.35
N VAL A 200 0.43 13.68 7.17
CA VAL A 200 1.28 12.67 7.80
C VAL A 200 1.86 11.69 6.77
N MET A 201 1.01 11.17 5.89
CA MET A 201 1.40 10.17 4.91
C MET A 201 2.54 10.58 3.96
N PRO A 202 2.44 11.77 3.32
CA PRO A 202 3.53 12.14 2.40
C PRO A 202 4.88 12.32 3.09
N VAL A 203 4.87 12.78 4.33
CA VAL A 203 6.10 12.95 5.09
C VAL A 203 6.76 11.60 5.42
N MET A 204 5.93 10.61 5.75
CA MET A 204 6.43 9.26 6.02
C MET A 204 7.08 8.66 4.78
N ILE A 205 6.52 8.99 3.62
CA ILE A 205 7.04 8.49 2.35
C ILE A 205 8.39 9.13 2.00
N ILE A 206 8.50 10.43 2.21
CA ILE A 206 9.75 11.13 1.96
C ILE A 206 10.87 10.62 2.86
N ILE A 207 10.59 10.51 4.16
CA ILE A 207 11.56 10.00 5.11
C ILE A 207 12.00 8.58 4.75
N ALA A 208 11.02 7.71 4.46
CA ALA A 208 11.31 6.35 4.04
C ALA A 208 12.08 6.33 2.72
N GLY A 209 11.66 7.18 1.79
CA GLY A 209 12.28 7.25 0.48
C GLY A 209 13.75 7.60 0.52
N LEU A 210 14.10 8.54 1.40
CA LEU A 210 15.49 8.97 1.55
C LEU A 210 16.36 7.86 2.15
N SER A 211 15.72 6.92 2.84
CA SER A 211 16.43 5.83 3.50
C SER A 211 16.51 4.59 2.62
N LEU A 212 15.79 4.61 1.51
CA LEU A 212 15.69 3.45 0.63
C LEU A 212 16.25 3.76 -0.76
N PRO A 213 16.64 2.72 -1.51
CA PRO A 213 17.08 2.88 -2.90
C PRO A 213 16.05 3.63 -3.74
N SER A 214 16.52 4.38 -4.74
CA SER A 214 15.65 5.23 -5.55
C SER A 214 14.61 4.44 -6.33
N ALA A 215 14.86 3.15 -6.55
CA ALA A 215 13.91 2.29 -7.24
C ALA A 215 12.59 2.21 -6.48
N LEU A 216 12.67 2.23 -5.15
CA LEU A 216 11.48 2.22 -4.31
C LEU A 216 10.64 3.47 -4.51
N SER A 217 11.29 4.63 -4.56
CA SER A 217 10.59 5.89 -4.79
C SER A 217 9.96 5.94 -6.17
N LEU A 218 10.66 5.42 -7.17
CA LEU A 218 10.12 5.31 -8.52
C LEU A 218 8.89 4.42 -8.54
N TYR A 219 8.98 3.31 -7.82
CA TYR A 219 7.86 2.38 -7.66
C TYR A 219 6.64 3.11 -7.10
N TRP A 220 6.88 3.93 -6.08
CA TRP A 220 5.80 4.64 -5.41
C TRP A 220 5.17 5.72 -6.29
N VAL A 221 6.01 6.40 -7.06
CA VAL A 221 5.56 7.44 -7.99
C VAL A 221 4.64 6.88 -9.07
N ILE A 222 5.09 5.81 -9.72
CA ILE A 222 4.30 5.16 -10.75
C ILE A 222 2.97 4.65 -10.20
N GLY A 223 3.01 4.08 -9.00
CA GLY A 223 1.81 3.60 -8.35
C GLY A 223 0.83 4.71 -8.06
N ASN A 224 1.35 5.85 -7.61
CA ASN A 224 0.52 7.03 -7.35
C ASN A 224 -0.11 7.57 -8.62
N ILE A 225 0.70 7.70 -9.67
CA ILE A 225 0.20 8.19 -10.96
C ILE A 225 -0.88 7.25 -11.51
N PHE A 226 -0.67 5.95 -11.35
CA PHE A 226 -1.65 4.95 -11.76
C PHE A 226 -2.98 5.17 -11.05
N MET A 227 -2.92 5.32 -9.73
CA MET A 227 -4.11 5.53 -8.91
C MET A 227 -4.82 6.83 -9.27
N ILE A 228 -4.03 7.85 -9.60
CA ILE A 228 -4.58 9.14 -10.01
C ILE A 228 -5.40 8.99 -11.29
N ILE A 229 -4.86 8.26 -12.26
CA ILE A 229 -5.57 7.98 -13.51
C ILE A 229 -6.78 7.09 -13.25
N GLN A 230 -6.60 6.11 -12.37
CA GLN A 230 -7.65 5.14 -12.05
C GLN A 230 -8.89 5.79 -11.46
N THR A 231 -8.71 6.90 -10.74
CA THR A 231 -9.84 7.63 -10.18
C THR A 231 -10.57 8.43 -11.27
N TYR A 232 -9.79 9.03 -12.17
CA TYR A 232 -10.36 9.80 -13.27
C TYR A 232 -10.93 8.89 -14.35
CD CD B . 22.89 -1.06 -16.76
C10 OLC C . -0.18 23.57 2.93
C9 OLC C . -0.49 23.52 1.44
C8 OLC C . 0.62 22.81 0.68
C7 OLC C . 0.13 22.41 -0.69
C6 OLC C . 0.62 21.15 -1.27
C5 OLC C . 2.03 20.69 -1.00
C4 OLC C . 2.17 19.22 -1.38
C3 OLC C . 3.61 18.75 -1.22
C2 OLC C . 3.81 17.99 0.10
C1 OLC C . 5.29 17.76 0.36
C10 OLC D . 10.33 10.76 -22.85
C9 OLC D . 11.75 11.18 -22.94
C8 OLC D . 12.76 10.62 -21.96
C7 OLC D . 14.04 11.44 -22.05
C6 OLC D . 15.05 11.01 -21.01
C5 OLC D . 16.05 12.12 -20.73
C4 OLC D . 16.43 12.17 -19.25
C3 OLC D . 16.21 13.56 -18.67
C2 OLC D . 15.53 13.46 -17.30
C1 OLC D . 16.33 14.24 -16.28
O19 OLC D . 17.48 13.86 -15.96
O20 OLC D . 15.86 15.27 -15.75
C9 OLC E . 0.31 -11.45 -3.25
C8 OLC E . 1.66 -11.41 -2.58
C7 OLC E . 2.75 -11.54 -3.63
C6 OLC E . 4.12 -11.18 -3.06
C5 OLC E . 5.11 -10.85 -4.18
C4 OLC E . 5.90 -12.09 -4.59
C3 OLC E . 6.01 -12.22 -6.10
C2 OLC E . 4.71 -11.83 -6.79
C1 OLC E . 5.02 -11.10 -8.09
O19 OLC E . 5.89 -11.55 -8.87
O20 OLC E . 4.40 -10.05 -8.39
C10 OLC F . 12.92 -10.87 4.64
C9 OLC F . 14.14 -11.69 4.70
C11 OLC F . 11.78 -11.14 5.59
C8 OLC F . 15.25 -11.36 5.68
C12 OLC F . 10.66 -10.16 5.25
C7 OLC F . 16.43 -12.30 5.42
C15 OLC F . 6.85 -10.42 4.94
C13 OLC F . 9.28 -10.77 5.44
C6 OLC F . 16.54 -12.68 3.95
C14 OLC F . 8.27 -10.07 4.53
C5 OLC F . 17.28 -13.99 3.76
C4 OLC F . 18.76 -13.74 3.49
C3 OLC F . 19.32 -14.77 2.51
C2 OLC F . 20.84 -14.62 2.42
C1 OLC F . 21.26 -14.44 0.98
O19 OLC F . 22.47 -14.45 0.67
O20 OLC F . 20.41 -14.28 0.08
C8 OLC G . 7.48 -22.84 6.36
C7 OLC G . 8.63 -22.36 7.25
C6 OLC G . 9.14 -23.47 8.14
C5 OLC G . 10.08 -24.39 7.36
C4 OLC G . 10.03 -25.82 7.90
C3 OLC G . 11.34 -26.55 7.63
C2 OLC G . 11.27 -28.00 8.09
C1 OLC G . 11.07 -28.90 6.90
O19 OLC G . 12.04 -29.51 6.38
O20 OLC G . 9.93 -29.04 6.39
#